data_3F7O
#
_entry.id   3F7O
#
_cell.length_a   65.108
_cell.length_b   62.536
_cell.length_c   67.562
_cell.angle_alpha   90.00
_cell.angle_beta   92.76
_cell.angle_gamma   90.00
#
_symmetry.space_group_name_H-M   'P 1 21 1'
#
loop_
_entity.id
_entity.type
_entity.pdbx_description
1 polymer 'Serine protease'
2 polymer (MSU)(ALA)(ALA)(PRO)(VAL)
3 non-polymer 'CALCIUM ION'
4 water water
#
loop_
_entity_poly.entity_id
_entity_poly.type
_entity_poly.pdbx_seq_one_letter_code
_entity_poly.pdbx_strand_id
1 'polypeptide(L)'
;AYTQQPGAPWGLGRISHRSKGSTTYEYDTSGGSGTCAYVIDTGVEASHPEFEGRASQIKSFISGQNTDGNGHGTHCAGTI
GSKTYGVAKKTKIYGVKVLDNSGSGSYSGIISGMDFAVQDSKSRSCPKGVVANMSLGGGKAQSVNDGAAAMIRAGVFLAV
AAGNDNANAANYSPASEPTVCTVGATTSSDARSSFSNYGNLVDIFAPGSNILSTWIGGTTNTISGTSMATPHIVGLGAYL
AGLEGFPGAQALCKRIQTLSTKNVLTGIPSGTVNYLAFNGNPSG
;
A,B
2 'polypeptide(L)' (MSU)AAPV X,Y
#
loop_
_chem_comp.id
_chem_comp.type
_chem_comp.name
_chem_comp.formula
CA non-polymer 'CALCIUM ION' 'Ca 2'
MSU non-polymer 'SUCCINIC ACID MONOMETHYL ESTER' 'C5 H8 O4'
#
# COMPACT_ATOMS: atom_id res chain seq x y z
N ALA A 1 3.80 10.35 7.83
CA ALA A 1 4.93 11.08 8.49
C ALA A 1 6.25 10.33 8.31
N TYR A 2 6.95 10.59 7.20
CA TYR A 2 8.25 9.95 6.96
C TYR A 2 9.39 10.73 7.61
N THR A 3 10.18 10.03 8.41
CA THR A 3 11.35 10.62 9.03
C THR A 3 12.49 9.81 8.44
N GLN A 4 13.71 10.06 8.87
CA GLN A 4 14.82 9.28 8.36
C GLN A 4 15.84 9.08 9.43
N GLN A 5 16.49 7.93 9.43
CA GLN A 5 17.51 7.73 10.43
C GLN A 5 18.86 7.48 9.74
N PRO A 6 19.74 8.50 9.81
CA PRO A 6 21.10 8.65 9.27
C PRO A 6 22.10 7.75 10.01
N GLY A 7 23.00 7.14 9.25
CA GLY A 7 23.99 6.27 9.86
C GLY A 7 23.35 5.02 10.42
N ALA A 8 22.33 4.53 9.71
CA ALA A 8 21.61 3.33 10.12
C ALA A 8 22.31 2.11 9.52
N PRO A 9 22.21 0.94 10.17
CA PRO A 9 22.87 -0.25 9.64
C PRO A 9 22.46 -0.48 8.17
N TRP A 10 23.44 -0.72 7.31
CA TRP A 10 23.16 -0.90 5.89
C TRP A 10 21.86 -1.62 5.56
N GLY A 11 21.53 -2.63 6.36
CA GLY A 11 20.31 -3.40 6.12
C GLY A 11 19.03 -2.58 6.13
N LEU A 12 18.99 -1.51 6.92
CA LEU A 12 17.79 -0.68 6.99
C LEU A 12 17.79 0.29 5.82
N GLY A 13 18.99 0.67 5.37
CA GLY A 13 19.09 1.58 4.24
C GLY A 13 18.76 0.82 2.98
N ARG A 14 19.04 -0.48 2.99
CA ARG A 14 18.78 -1.32 1.84
C ARG A 14 17.30 -1.57 1.62
N ILE A 15 16.51 -1.54 2.70
CA ILE A 15 15.08 -1.78 2.58
C ILE A 15 14.18 -0.59 2.28
N SER A 16 14.66 0.63 2.47
CA SER A 16 13.83 1.81 2.19
C SER A 16 14.23 2.49 0.89
N HIS A 17 15.02 1.79 0.07
CA HIS A 17 15.51 2.30 -1.20
C HIS A 17 15.57 1.20 -2.23
N ARG A 18 15.38 1.56 -3.50
CA ARG A 18 15.43 0.58 -4.56
C ARG A 18 16.89 0.28 -4.93
N SER A 19 17.74 1.29 -4.91
CA SER A 19 19.14 1.08 -5.25
C SER A 19 19.99 0.95 -3.97
N LYS A 20 21.02 0.12 -4.04
CA LYS A 20 21.88 -0.10 -2.89
C LYS A 20 22.82 1.05 -2.60
N GLY A 21 23.40 1.06 -1.40
CA GLY A 21 24.34 2.11 -1.01
C GLY A 21 23.96 3.09 0.08
N SER A 22 22.66 3.31 0.28
CA SER A 22 22.16 4.25 1.29
C SER A 22 22.44 3.86 2.73
N THR A 23 22.76 4.86 3.56
CA THR A 23 23.00 4.63 4.98
C THR A 23 21.86 5.25 5.77
N THR A 24 20.93 5.86 5.05
CA THR A 24 19.76 6.48 5.67
C THR A 24 18.58 5.53 5.56
N TYR A 25 17.92 5.33 6.69
CA TYR A 25 16.74 4.49 6.74
C TYR A 25 15.52 5.41 6.81
N GLU A 26 14.74 5.43 5.74
CA GLU A 26 13.55 6.27 5.67
C GLU A 26 12.28 5.44 5.85
N TYR A 27 11.42 5.90 6.75
CA TYR A 27 10.21 5.18 7.10
C TYR A 27 9.16 6.07 7.70
N ASP A 28 7.94 5.59 7.76
CA ASP A 28 6.88 6.39 8.35
C ASP A 28 6.95 6.28 9.88
N THR A 29 6.74 7.40 10.54
CA THR A 29 6.80 7.48 11.98
C THR A 29 6.01 6.42 12.75
N SER A 30 4.81 6.11 12.31
CA SER A 30 3.98 5.14 12.99
C SER A 30 4.82 3.93 13.40
N GLY A 31 5.79 3.62 12.55
CA GLY A 31 6.72 2.52 12.79
C GLY A 31 6.21 1.24 13.42
N GLY A 32 5.16 0.68 12.82
CA GLY A 32 4.60 -0.57 13.32
C GLY A 32 4.02 -0.52 14.71
N SER A 33 3.56 0.66 15.13
CA SER A 33 2.98 0.82 16.46
C SER A 33 1.52 0.31 16.46
N GLY A 34 1.16 -0.42 17.52
CA GLY A 34 -0.18 -0.99 17.62
C GLY A 34 -0.09 -2.45 17.20
N THR A 35 1.12 -2.84 16.82
CA THR A 35 1.46 -4.17 16.35
C THR A 35 2.25 -4.96 17.42
N CYS A 36 2.23 -6.30 17.34
CA CYS A 36 2.96 -7.16 18.28
C CYS A 36 3.83 -8.15 17.52
N ALA A 37 5.07 -8.33 17.99
CA ALA A 37 6.02 -9.24 17.34
C ALA A 37 6.57 -10.27 18.31
N TYR A 38 6.36 -11.54 17.97
CA TYR A 38 6.85 -12.64 18.79
C TYR A 38 8.15 -13.21 18.25
N VAL A 39 9.18 -13.22 19.10
CA VAL A 39 10.47 -13.75 18.72
C VAL A 39 10.67 -15.11 19.39
N ILE A 40 10.52 -16.15 18.60
CA ILE A 40 10.64 -17.52 19.05
C ILE A 40 12.10 -17.94 18.81
N ASP A 41 12.88 -17.90 19.87
CA ASP A 41 14.29 -18.20 19.79
C ASP A 41 14.83 -18.63 21.17
N THR A 42 16.03 -18.14 21.46
CA THR A 42 16.70 -18.44 22.71
C THR A 42 16.23 -17.48 23.81
N GLY A 43 15.25 -16.63 23.47
CA GLY A 43 14.76 -15.67 24.43
C GLY A 43 15.18 -14.28 23.98
N VAL A 44 14.70 -13.27 24.68
CA VAL A 44 15.06 -11.87 24.35
C VAL A 44 15.46 -11.12 25.61
N GLU A 45 16.59 -10.40 25.55
CA GLU A 45 17.02 -9.62 26.71
C GLU A 45 16.25 -8.29 26.79
N ALA A 46 15.08 -8.35 27.42
CA ALA A 46 14.19 -7.22 27.59
C ALA A 46 14.81 -5.96 28.20
N SER A 47 15.52 -6.14 29.31
CA SER A 47 16.15 -5.03 30.03
C SER A 47 16.98 -4.12 29.12
N HIS A 48 17.41 -4.66 27.98
CA HIS A 48 18.24 -3.89 27.07
C HIS A 48 17.64 -2.52 26.69
N PRO A 49 18.43 -1.45 26.84
CA PRO A 49 17.99 -0.08 26.52
C PRO A 49 17.55 0.18 25.08
N GLU A 50 17.99 -0.65 24.15
CA GLU A 50 17.61 -0.44 22.77
C GLU A 50 16.13 -0.79 22.51
N PHE A 51 15.50 -1.49 23.45
CA PHE A 51 14.09 -1.86 23.27
C PHE A 51 13.13 -0.87 23.91
N GLU A 52 13.68 0.16 24.53
CA GLU A 52 12.88 1.20 25.13
C GLU A 52 11.63 0.76 25.89
N GLY A 53 11.76 -0.32 26.66
CA GLY A 53 10.67 -0.85 27.47
C GLY A 53 9.61 -1.62 26.71
N ARG A 54 9.79 -1.73 25.39
CA ARG A 54 8.82 -2.40 24.52
C ARG A 54 9.03 -3.90 24.35
N ALA A 55 10.03 -4.44 25.02
CA ALA A 55 10.28 -5.87 24.96
C ALA A 55 10.09 -6.47 26.33
N SER A 56 9.51 -7.66 26.33
CA SER A 56 9.30 -8.39 27.57
C SER A 56 9.46 -9.83 27.12
N GLN A 57 10.29 -10.59 27.81
CA GLN A 57 10.46 -11.99 27.48
C GLN A 57 9.48 -12.66 28.44
N ILE A 58 8.46 -13.30 27.87
CA ILE A 58 7.37 -13.87 28.65
C ILE A 58 7.19 -15.39 28.83
N LYS A 59 7.88 -16.22 28.06
CA LYS A 59 7.68 -17.65 28.23
C LYS A 59 8.87 -18.50 27.80
N SER A 60 9.01 -19.64 28.45
CA SER A 60 10.09 -20.55 28.13
C SER A 60 9.64 -21.99 28.25
N PHE A 61 10.15 -22.82 27.34
CA PHE A 61 9.84 -24.23 27.33
C PHE A 61 11.12 -25.02 27.62
N ILE A 62 12.12 -24.29 28.14
CA ILE A 62 13.38 -24.90 28.52
C ILE A 62 13.55 -24.87 30.04
N SER A 63 13.45 -26.07 30.60
CA SER A 63 13.62 -26.40 32.01
C SER A 63 13.77 -25.26 33.01
N GLY A 64 15.01 -24.88 33.27
CA GLY A 64 15.31 -23.83 34.24
C GLY A 64 16.15 -22.73 33.61
N GLN A 65 15.82 -22.44 32.36
CA GLN A 65 16.47 -21.40 31.57
C GLN A 65 15.37 -20.44 31.17
N ASN A 66 15.23 -19.35 31.90
CA ASN A 66 14.18 -18.39 31.57
C ASN A 66 14.78 -17.09 31.07
N THR A 67 15.95 -17.21 30.46
CA THR A 67 16.65 -16.04 29.98
C THR A 67 17.48 -16.31 28.73
N ASP A 68 17.65 -15.29 27.88
CA ASP A 68 18.49 -15.48 26.70
C ASP A 68 19.94 -15.38 27.19
N GLY A 69 20.65 -16.50 27.19
CA GLY A 69 22.03 -16.51 27.60
C GLY A 69 22.85 -16.99 26.42
N ASN A 70 22.27 -16.83 25.24
CA ASN A 70 22.90 -17.26 23.99
C ASN A 70 23.20 -16.03 23.12
N GLY A 71 22.17 -15.23 22.87
CA GLY A 71 22.36 -14.03 22.08
C GLY A 71 21.49 -13.91 20.83
N HIS A 72 21.19 -15.07 20.23
CA HIS A 72 20.40 -15.16 19.00
C HIS A 72 19.06 -14.43 19.01
N GLY A 73 18.22 -14.73 20.01
CA GLY A 73 16.91 -14.11 20.11
C GLY A 73 16.92 -12.61 20.35
N THR A 74 17.91 -12.12 21.08
CA THR A 74 18.02 -10.69 21.36
C THR A 74 18.57 -9.95 20.15
N HIS A 75 19.46 -10.61 19.41
CA HIS A 75 20.00 -10.02 18.20
C HIS A 75 18.86 -9.86 17.20
N CYS A 76 18.04 -10.89 17.09
CA CYS A 76 16.88 -10.88 16.18
C CYS A 76 15.79 -9.90 16.60
N ALA A 77 15.61 -9.72 17.91
CA ALA A 77 14.59 -8.80 18.42
C ALA A 77 15.02 -7.35 18.17
N GLY A 78 16.34 -7.14 18.14
CA GLY A 78 16.88 -5.82 17.90
C GLY A 78 16.62 -5.38 16.47
N THR A 79 16.67 -6.33 15.54
CA THR A 79 16.44 -6.01 14.14
C THR A 79 14.96 -5.76 13.87
N ILE A 80 14.10 -6.42 14.65
CA ILE A 80 12.66 -6.26 14.50
C ILE A 80 12.20 -4.89 15.02
N GLY A 81 12.69 -4.49 16.19
CA GLY A 81 12.22 -3.22 16.71
C GLY A 81 13.05 -2.38 17.66
N SER A 82 14.36 -2.60 17.71
CA SER A 82 15.20 -1.79 18.59
C SER A 82 15.32 -0.39 18.01
N LYS A 83 15.52 0.59 18.89
CA LYS A 83 15.62 2.00 18.50
C LYS A 83 16.58 2.27 17.35
N THR A 84 17.82 1.79 17.47
CA THR A 84 18.82 2.03 16.45
C THR A 84 18.98 0.97 15.36
N TYR A 85 18.73 -0.29 15.68
CA TYR A 85 18.94 -1.36 14.70
C TYR A 85 17.70 -2.03 14.13
N GLY A 86 16.53 -1.61 14.59
CA GLY A 86 15.30 -2.23 14.13
C GLY A 86 14.44 -1.53 13.11
N VAL A 87 13.62 -2.34 12.43
CA VAL A 87 12.70 -1.88 11.39
C VAL A 87 11.47 -1.21 11.98
N ALA A 88 10.72 -1.96 12.79
CA ALA A 88 9.50 -1.48 13.44
C ALA A 88 9.82 -0.89 14.82
N LYS A 89 10.27 0.36 14.81
CA LYS A 89 10.71 1.04 16.04
C LYS A 89 9.68 1.37 17.12
N LYS A 90 8.39 1.21 16.85
CA LYS A 90 7.39 1.49 17.87
C LYS A 90 6.66 0.20 18.24
N THR A 91 7.14 -0.94 17.72
CA THR A 91 6.51 -2.24 17.98
C THR A 91 6.72 -2.80 19.40
N LYS A 92 5.88 -3.76 19.79
CA LYS A 92 6.01 -4.39 21.10
C LYS A 92 6.55 -5.83 20.94
N ILE A 93 7.68 -6.11 21.58
CA ILE A 93 8.35 -7.39 21.46
C ILE A 93 8.09 -8.36 22.61
N TYR A 94 7.80 -9.61 22.23
CA TYR A 94 7.55 -10.69 23.18
C TYR A 94 8.41 -11.91 22.88
N GLY A 95 9.23 -12.31 23.85
CA GLY A 95 10.11 -13.45 23.66
C GLY A 95 9.57 -14.76 24.20
N VAL A 96 9.78 -15.82 23.42
CA VAL A 96 9.33 -17.15 23.81
C VAL A 96 10.54 -18.02 23.53
N LYS A 97 11.17 -18.49 24.60
CA LYS A 97 12.36 -19.27 24.49
C LYS A 97 12.07 -20.73 24.20
N VAL A 98 12.40 -21.18 23.00
CA VAL A 98 12.14 -22.55 22.63
C VAL A 98 13.45 -23.29 22.36
N LEU A 99 14.55 -22.55 22.40
CA LEU A 99 15.87 -23.11 22.19
C LEU A 99 16.68 -22.83 23.45
N ASP A 100 17.30 -23.86 24.04
CA ASP A 100 18.11 -23.61 25.24
C ASP A 100 19.32 -22.74 24.91
N ASN A 101 20.15 -22.47 25.90
CA ASN A 101 21.26 -21.55 25.65
C ASN A 101 22.43 -22.08 24.86
N SER A 102 22.52 -23.40 24.69
CA SER A 102 23.62 -23.94 23.89
C SER A 102 23.11 -23.90 22.47
N GLY A 103 21.88 -23.37 22.31
CA GLY A 103 21.23 -23.24 21.01
C GLY A 103 20.55 -24.49 20.50
N SER A 104 19.79 -25.16 21.37
CA SER A 104 19.10 -26.38 20.98
C SER A 104 17.65 -26.48 21.50
N GLY A 105 16.76 -26.93 20.63
CA GLY A 105 15.36 -27.07 21.02
C GLY A 105 14.73 -28.31 20.42
N SER A 106 13.87 -28.97 21.20
CA SER A 106 13.17 -30.17 20.71
C SER A 106 12.08 -29.67 19.78
N TYR A 107 11.64 -30.50 18.85
CA TYR A 107 10.57 -30.07 17.96
C TYR A 107 9.32 -29.88 18.78
N SER A 108 9.13 -30.77 19.76
CA SER A 108 7.99 -30.67 20.66
C SER A 108 7.96 -29.32 21.38
N GLY A 109 9.11 -28.91 21.92
CA GLY A 109 9.20 -27.63 22.62
C GLY A 109 8.99 -26.44 21.69
N ILE A 110 9.32 -26.62 20.42
CA ILE A 110 9.16 -25.58 19.42
C ILE A 110 7.70 -25.47 19.00
N ILE A 111 7.03 -26.60 18.86
CA ILE A 111 5.62 -26.59 18.46
C ILE A 111 4.81 -25.95 19.58
N SER A 112 5.22 -26.21 20.82
CA SER A 112 4.54 -25.67 21.98
C SER A 112 4.72 -24.17 22.07
N GLY A 113 5.88 -23.71 21.63
CA GLY A 113 6.19 -22.29 21.65
C GLY A 113 5.36 -21.54 20.63
N MET A 114 5.17 -22.14 19.45
CA MET A 114 4.36 -21.52 18.42
C MET A 114 2.92 -21.37 18.86
N ASP A 115 2.40 -22.38 19.54
CA ASP A 115 1.01 -22.32 20.02
C ASP A 115 0.90 -21.33 21.16
N PHE A 116 1.91 -21.31 22.02
CA PHE A 116 1.87 -20.38 23.14
C PHE A 116 1.77 -18.94 22.63
N ALA A 117 2.49 -18.64 21.56
CA ALA A 117 2.51 -17.29 21.00
C ALA A 117 1.17 -16.91 20.36
N VAL A 118 0.51 -17.91 19.79
CA VAL A 118 -0.78 -17.69 19.15
C VAL A 118 -1.82 -17.44 20.22
N GLN A 119 -1.86 -18.31 21.22
CA GLN A 119 -2.81 -18.20 22.33
C GLN A 119 -2.54 -16.96 23.17
N ASP A 120 -1.25 -16.65 23.37
CA ASP A 120 -0.87 -15.50 24.17
C ASP A 120 -1.12 -14.19 23.43
N SER A 121 -0.94 -14.20 22.11
CA SER A 121 -1.13 -13.00 21.33
C SER A 121 -2.52 -12.43 21.51
N LYS A 122 -3.51 -13.29 21.78
CA LYS A 122 -4.89 -12.82 21.99
C LYS A 122 -5.15 -12.22 23.38
N SER A 123 -4.16 -12.29 24.27
CA SER A 123 -4.29 -11.71 25.58
C SER A 123 -3.52 -10.38 25.60
N ARG A 124 -2.93 -10.02 24.48
CA ARG A 124 -2.13 -8.81 24.37
C ARG A 124 -2.85 -7.72 23.58
N SER A 125 -2.35 -6.49 23.69
CA SER A 125 -2.93 -5.35 22.97
C SER A 125 -2.22 -5.16 21.62
N CYS A 126 -2.77 -5.77 20.57
CA CYS A 126 -2.18 -5.71 19.24
C CYS A 126 -3.26 -5.37 18.21
N PRO A 127 -3.90 -4.19 18.35
CA PRO A 127 -4.96 -3.83 17.41
C PRO A 127 -4.61 -3.88 15.91
N LYS A 128 -3.35 -3.57 15.54
CA LYS A 128 -2.99 -3.55 14.12
C LYS A 128 -2.21 -4.73 13.59
N GLY A 129 -2.14 -5.78 14.38
CA GLY A 129 -1.46 -6.99 13.94
C GLY A 129 -0.50 -7.68 14.87
N VAL A 130 -0.33 -8.98 14.63
CA VAL A 130 0.59 -9.83 15.38
C VAL A 130 1.47 -10.47 14.31
N VAL A 131 2.78 -10.33 14.46
CA VAL A 131 3.74 -10.92 13.53
C VAL A 131 4.60 -11.87 14.34
N ALA A 132 5.34 -12.77 13.69
CA ALA A 132 6.18 -13.71 14.42
C ALA A 132 7.49 -14.04 13.71
N ASN A 133 8.53 -14.27 14.50
CA ASN A 133 9.85 -14.56 13.97
C ASN A 133 10.37 -15.91 14.45
N MET A 134 10.84 -16.70 13.48
CA MET A 134 11.43 -18.00 13.73
C MET A 134 12.71 -18.12 12.90
N SER A 135 13.79 -17.61 13.48
CA SER A 135 15.11 -17.65 12.87
C SER A 135 15.79 -18.90 13.42
N LEU A 136 15.20 -20.05 13.10
CA LEU A 136 15.73 -21.32 13.55
C LEU A 136 15.40 -22.37 12.51
N GLY A 137 16.04 -23.53 12.62
CA GLY A 137 15.78 -24.58 11.65
C GLY A 137 16.45 -25.89 11.95
N GLY A 138 16.00 -26.92 11.25
CA GLY A 138 16.55 -28.26 11.40
C GLY A 138 16.04 -29.08 10.23
N GLY A 139 16.21 -30.40 10.32
CA GLY A 139 15.75 -31.26 9.25
C GLY A 139 14.25 -31.14 9.16
N LYS A 140 13.71 -31.49 7.99
CA LYS A 140 12.27 -31.43 7.72
C LYS A 140 11.44 -32.28 8.68
N ALA A 141 10.46 -31.65 9.29
CA ALA A 141 9.53 -32.32 10.22
C ALA A 141 8.14 -31.78 9.91
N GLN A 142 7.22 -32.66 9.49
CA GLN A 142 5.88 -32.21 9.16
C GLN A 142 5.23 -31.57 10.38
N SER A 143 5.46 -32.18 11.54
CA SER A 143 4.91 -31.70 12.79
C SER A 143 5.18 -30.22 12.99
N VAL A 144 6.38 -29.79 12.61
CA VAL A 144 6.78 -28.39 12.76
C VAL A 144 6.14 -27.50 11.70
N ASN A 145 6.15 -27.97 10.45
CA ASN A 145 5.56 -27.20 9.40
C ASN A 145 4.09 -27.02 9.72
N ASP A 146 3.50 -28.04 10.33
CA ASP A 146 2.08 -28.00 10.68
C ASP A 146 1.79 -27.04 11.83
N GLY A 147 2.69 -26.97 12.81
CA GLY A 147 2.49 -26.05 13.91
C GLY A 147 2.72 -24.64 13.37
N ALA A 148 3.62 -24.56 12.40
CA ALA A 148 3.95 -23.29 11.77
C ALA A 148 2.77 -22.86 10.93
N ALA A 149 2.27 -23.78 10.11
CA ALA A 149 1.11 -23.53 9.27
C ALA A 149 -0.07 -23.02 10.10
N ALA A 150 -0.26 -23.60 11.28
CA ALA A 150 -1.35 -23.24 12.19
C ALA A 150 -1.26 -21.80 12.69
N MET A 151 -0.03 -21.31 12.84
CA MET A 151 0.19 -19.93 13.27
C MET A 151 -0.40 -19.06 12.16
N ILE A 152 -0.01 -19.38 10.93
CA ILE A 152 -0.49 -18.63 9.78
C ILE A 152 -2.01 -18.63 9.81
N ARG A 153 -2.59 -19.81 9.97
CA ARG A 153 -4.05 -19.99 9.99
C ARG A 153 -4.78 -19.20 11.10
N ALA A 154 -4.06 -18.79 12.13
CA ALA A 154 -4.67 -18.05 13.21
C ALA A 154 -4.53 -16.54 13.02
N GLY A 155 -3.94 -16.12 11.91
CA GLY A 155 -3.78 -14.70 11.63
C GLY A 155 -2.47 -14.06 12.07
N VAL A 156 -1.44 -14.88 12.33
CA VAL A 156 -0.15 -14.32 12.74
C VAL A 156 0.83 -14.36 11.56
N PHE A 157 1.38 -13.21 11.19
CA PHE A 157 2.33 -13.15 10.10
C PHE A 157 3.63 -13.84 10.53
N LEU A 158 3.74 -15.13 10.29
CA LEU A 158 4.95 -15.85 10.66
C LEU A 158 5.99 -15.91 9.52
N ALA A 159 7.19 -15.42 9.81
CA ALA A 159 8.28 -15.42 8.84
C ALA A 159 9.32 -16.33 9.46
N VAL A 160 9.97 -17.15 8.64
CA VAL A 160 10.98 -18.07 9.16
C VAL A 160 12.24 -18.04 8.29
N ALA A 161 13.37 -18.41 8.88
CA ALA A 161 14.65 -18.42 8.19
C ALA A 161 14.78 -19.56 7.17
N ALA A 162 15.25 -19.22 5.96
CA ALA A 162 15.44 -20.22 4.88
C ALA A 162 16.39 -21.30 5.36
N GLY A 163 17.51 -20.87 5.94
CA GLY A 163 18.51 -21.81 6.40
C GLY A 163 19.89 -21.29 6.01
N ASN A 164 20.94 -21.83 6.62
CA ASN A 164 22.31 -21.40 6.32
C ASN A 164 23.07 -22.56 5.70
N ASP A 165 22.43 -23.35 4.85
CA ASP A 165 23.09 -24.53 4.28
C ASP A 165 23.48 -24.43 2.80
N ASN A 166 23.25 -23.26 2.19
CA ASN A 166 23.53 -23.07 0.77
C ASN A 166 22.85 -24.18 -0.02
N ALA A 167 21.70 -24.60 0.48
CA ALA A 167 20.92 -25.68 -0.11
C ALA A 167 19.46 -25.28 -0.28
N ASN A 168 18.71 -26.11 -1.01
CA ASN A 168 17.30 -25.85 -1.23
C ASN A 168 16.55 -26.01 0.09
N ALA A 169 15.78 -24.99 0.44
CA ALA A 169 15.04 -24.95 1.69
C ALA A 169 14.01 -26.06 1.88
N ALA A 170 13.57 -26.65 0.76
CA ALA A 170 12.56 -27.71 0.77
C ALA A 170 12.81 -28.82 1.79
N ASN A 171 14.07 -29.01 2.18
CA ASN A 171 14.42 -30.08 3.10
C ASN A 171 14.54 -29.74 4.58
N TYR A 172 14.02 -28.57 4.98
CA TYR A 172 14.09 -28.15 6.37
C TYR A 172 12.77 -27.58 6.86
N SER A 173 12.68 -27.41 8.17
CA SER A 173 11.48 -26.86 8.82
C SER A 173 11.93 -25.87 9.86
N PRO A 174 11.13 -24.80 10.11
CA PRO A 174 9.87 -24.43 9.42
C PRO A 174 9.99 -23.97 7.95
N ALA A 175 11.22 -23.90 7.44
CA ALA A 175 11.50 -23.48 6.06
C ALA A 175 10.62 -24.00 4.91
N SER A 176 10.44 -25.32 4.83
CA SER A 176 9.64 -25.91 3.74
C SER A 176 8.11 -25.72 3.78
N GLU A 177 7.58 -25.20 4.88
CA GLU A 177 6.14 -24.97 4.97
C GLU A 177 5.75 -23.92 3.95
N PRO A 178 4.89 -24.29 2.98
CA PRO A 178 4.40 -23.42 1.90
C PRO A 178 3.76 -22.13 2.44
N THR A 179 3.05 -22.31 3.54
CA THR A 179 2.27 -21.25 4.18
C THR A 179 2.98 -20.13 4.98
N VAL A 180 4.22 -20.34 5.42
CA VAL A 180 4.93 -19.30 6.18
C VAL A 180 5.75 -18.47 5.20
N CYS A 181 6.21 -17.29 5.63
CA CYS A 181 7.02 -16.44 4.76
C CYS A 181 8.47 -16.83 5.09
N THR A 182 9.08 -17.62 4.19
CA THR A 182 10.45 -18.09 4.37
C THR A 182 11.39 -17.02 3.82
N VAL A 183 12.45 -16.70 4.56
CA VAL A 183 13.37 -15.65 4.14
C VAL A 183 14.83 -16.06 3.84
N GLY A 184 15.31 -15.66 2.65
CA GLY A 184 16.70 -15.91 2.25
C GLY A 184 17.54 -14.70 2.64
N ALA A 185 18.85 -14.84 2.75
CA ALA A 185 19.67 -13.70 3.15
C ALA A 185 20.44 -13.02 2.00
N THR A 186 20.55 -11.70 2.13
CA THR A 186 21.18 -10.82 1.14
C THR A 186 22.45 -10.09 1.61
N THR A 187 23.37 -9.86 0.65
CA THR A 187 24.64 -9.13 0.88
C THR A 187 24.47 -7.64 0.53
N SER A 188 25.29 -6.76 1.09
CA SER A 188 25.18 -5.33 0.77
C SER A 188 25.60 -4.96 -0.66
N SER A 189 26.17 -5.91 -1.40
CA SER A 189 26.55 -5.68 -2.80
C SER A 189 25.49 -6.40 -3.64
N ASP A 190 24.37 -6.69 -2.98
CA ASP A 190 23.21 -7.34 -3.60
C ASP A 190 23.42 -8.75 -4.12
N ALA A 191 24.13 -9.56 -3.36
CA ALA A 191 24.34 -10.93 -3.80
C ALA A 191 23.68 -11.81 -2.75
N ARG A 192 23.26 -13.00 -3.14
CA ARG A 192 22.67 -13.91 -2.16
C ARG A 192 23.83 -14.26 -1.24
N SER A 193 23.64 -14.22 0.07
CA SER A 193 24.72 -14.56 0.99
C SER A 193 25.19 -16.00 0.67
N SER A 194 26.50 -16.19 0.60
CA SER A 194 27.06 -17.49 0.26
C SER A 194 26.40 -18.71 0.94
N PHE A 195 25.90 -18.52 2.16
CA PHE A 195 25.28 -19.60 2.93
C PHE A 195 23.76 -19.73 2.82
N SER A 196 23.11 -18.69 2.32
CA SER A 196 21.65 -18.66 2.19
C SER A 196 21.02 -19.82 1.44
N ASN A 197 19.97 -20.40 2.01
CA ASN A 197 19.27 -21.49 1.33
C ASN A 197 18.46 -20.84 0.23
N TYR A 198 17.97 -21.64 -0.70
CA TYR A 198 17.22 -21.11 -1.80
C TYR A 198 16.14 -22.10 -2.19
N GLY A 199 15.45 -21.81 -3.29
CA GLY A 199 14.42 -22.68 -3.77
C GLY A 199 13.08 -22.01 -3.85
N ASN A 200 12.15 -22.69 -4.48
CA ASN A 200 10.77 -22.27 -4.66
C ASN A 200 10.10 -21.93 -3.33
N LEU A 201 10.49 -22.60 -2.29
CA LEU A 201 9.87 -22.38 -0.99
C LEU A 201 10.31 -21.13 -0.24
N VAL A 202 11.33 -20.44 -0.74
CA VAL A 202 11.78 -19.20 -0.09
C VAL A 202 10.92 -18.10 -0.72
N ASP A 203 10.29 -17.29 0.11
CA ASP A 203 9.40 -16.25 -0.42
C ASP A 203 9.95 -14.83 -0.58
N ILE A 204 11.11 -14.55 0.02
CA ILE A 204 11.70 -13.22 -0.06
C ILE A 204 13.14 -13.19 0.45
N PHE A 205 13.87 -12.14 0.08
CA PHE A 205 15.26 -11.97 0.54
C PHE A 205 15.38 -10.64 1.25
N ALA A 206 16.26 -10.58 2.25
CA ALA A 206 16.47 -9.37 3.02
C ALA A 206 17.88 -9.40 3.63
N PRO A 207 18.39 -8.21 4.03
CA PRO A 207 19.74 -8.12 4.62
C PRO A 207 20.01 -9.21 5.62
N GLY A 208 21.03 -10.02 5.31
CA GLY A 208 21.42 -11.14 6.15
C GLY A 208 22.90 -11.25 6.45
N SER A 209 23.73 -10.46 5.78
CA SER A 209 25.15 -10.51 6.03
C SER A 209 25.65 -9.26 6.74
N ASN A 210 26.50 -9.45 7.75
CA ASN A 210 27.11 -8.36 8.50
C ASN A 210 26.09 -7.43 9.15
N ILE A 211 25.06 -8.01 9.78
CA ILE A 211 23.99 -7.22 10.39
C ILE A 211 24.24 -6.86 11.83
N LEU A 212 24.28 -5.57 12.11
CA LEU A 212 24.51 -5.09 13.44
C LEU A 212 23.22 -5.03 14.22
N SER A 213 23.18 -5.60 15.43
CA SER A 213 21.97 -5.54 16.23
C SER A 213 22.24 -5.65 17.72
N THR A 214 21.18 -5.61 18.51
CA THR A 214 21.30 -5.73 19.96
C THR A 214 21.87 -7.09 20.33
N TRP A 215 22.54 -7.16 21.49
CA TRP A 215 23.14 -8.41 21.96
C TRP A 215 23.06 -8.51 23.50
N ILE A 216 23.16 -9.71 24.03
CA ILE A 216 23.07 -9.88 25.47
C ILE A 216 24.20 -9.20 26.20
N GLY A 217 23.92 -8.73 27.41
CA GLY A 217 24.92 -8.06 28.20
C GLY A 217 24.88 -6.57 27.92
N GLY A 218 23.76 -6.11 27.38
CA GLY A 218 23.58 -4.69 27.09
C GLY A 218 24.32 -4.15 25.88
N THR A 219 24.83 -5.03 25.02
CA THR A 219 25.56 -4.61 23.82
C THR A 219 24.88 -4.81 22.49
N THR A 220 25.75 -4.89 21.48
CA THR A 220 25.38 -5.10 20.09
C THR A 220 26.43 -6.04 19.57
N ASN A 221 26.12 -6.73 18.47
CA ASN A 221 27.02 -7.67 17.85
C ASN A 221 26.69 -7.61 16.37
N THR A 222 27.61 -8.07 15.53
CA THR A 222 27.39 -8.09 14.09
C THR A 222 27.62 -9.52 13.62
N ILE A 223 26.53 -10.19 13.24
CA ILE A 223 26.57 -11.56 12.75
C ILE A 223 25.82 -11.72 11.44
N SER A 224 26.14 -12.78 10.73
CA SER A 224 25.53 -13.07 9.44
C SER A 224 24.73 -14.39 9.45
N GLY A 225 23.61 -14.40 8.75
CA GLY A 225 22.81 -15.59 8.71
C GLY A 225 21.40 -15.30 8.23
N THR A 226 20.66 -16.35 7.90
CA THR A 226 19.30 -16.12 7.43
C THR A 226 18.43 -15.72 8.63
N SER A 227 18.98 -15.81 9.85
CA SER A 227 18.25 -15.41 11.03
C SER A 227 18.39 -13.93 11.18
N MET A 228 19.24 -13.32 10.35
CA MET A 228 19.42 -11.88 10.39
C MET A 228 18.52 -11.27 9.33
N ALA A 229 18.26 -12.04 8.28
CA ALA A 229 17.39 -11.56 7.22
C ALA A 229 15.92 -11.67 7.64
N THR A 230 15.59 -12.70 8.42
CA THR A 230 14.21 -12.92 8.86
C THR A 230 13.59 -11.80 9.70
N PRO A 231 14.32 -11.29 10.71
CA PRO A 231 13.70 -10.21 11.48
C PRO A 231 13.55 -8.90 10.69
N HIS A 232 14.15 -8.86 9.51
CA HIS A 232 14.04 -7.69 8.68
C HIS A 232 12.65 -7.75 8.08
N ILE A 233 12.24 -8.99 7.83
CA ILE A 233 10.95 -9.27 7.24
C ILE A 233 9.81 -9.20 8.23
N VAL A 234 10.00 -9.78 9.41
CA VAL A 234 8.98 -9.76 10.44
C VAL A 234 8.72 -8.31 10.82
N GLY A 235 9.79 -7.52 10.88
CA GLY A 235 9.68 -6.11 11.21
C GLY A 235 9.06 -5.30 10.08
N LEU A 236 9.44 -5.62 8.86
CA LEU A 236 8.89 -4.92 7.68
C LEU A 236 7.38 -5.06 7.70
N GLY A 237 6.92 -6.29 8.00
CA GLY A 237 5.48 -6.57 8.07
C GLY A 237 4.72 -5.84 9.18
N ALA A 238 5.31 -5.76 10.38
CA ALA A 238 4.64 -5.05 11.46
C ALA A 238 4.47 -3.62 11.02
N TYR A 239 5.52 -3.07 10.43
CA TYR A 239 5.56 -1.69 9.94
C TYR A 239 4.47 -1.45 8.89
N LEU A 240 4.36 -2.37 7.93
CA LEU A 240 3.34 -2.24 6.88
C LEU A 240 1.94 -2.40 7.47
N ALA A 241 1.82 -3.18 8.55
CA ALA A 241 0.53 -3.41 9.19
C ALA A 241 0.07 -2.23 10.04
N GLY A 242 1.03 -1.50 10.59
CA GLY A 242 0.69 -0.36 11.41
C GLY A 242 0.45 0.86 10.57
N LEU A 243 0.87 0.77 9.30
CA LEU A 243 0.76 1.85 8.32
C LEU A 243 -0.39 1.63 7.31
N GLU A 244 -0.46 0.43 6.74
CA GLU A 244 -1.49 0.15 5.75
C GLU A 244 -2.64 -0.72 6.24
N GLY A 245 -2.46 -1.32 7.41
CA GLY A 245 -3.49 -2.20 7.97
C GLY A 245 -3.13 -3.64 7.68
N PHE A 246 -3.42 -4.53 8.62
CA PHE A 246 -3.13 -5.96 8.47
C PHE A 246 -4.05 -6.55 7.38
N PRO A 247 -3.47 -7.09 6.30
CA PRO A 247 -4.20 -7.67 5.17
C PRO A 247 -4.44 -9.18 5.30
N GLY A 248 -3.78 -9.83 6.25
CA GLY A 248 -3.93 -11.27 6.40
C GLY A 248 -2.52 -11.75 6.65
N ALA A 249 -2.37 -12.98 7.09
CA ALA A 249 -1.03 -13.50 7.39
C ALA A 249 -0.21 -13.88 6.14
N GLN A 250 -0.85 -14.55 5.19
CA GLN A 250 -0.16 -14.93 3.97
C GLN A 250 -0.19 -13.75 3.03
N ALA A 251 -1.24 -12.95 3.16
CA ALA A 251 -1.44 -11.78 2.32
C ALA A 251 -0.37 -10.74 2.63
N LEU A 252 0.22 -10.82 3.82
CA LEU A 252 1.24 -9.85 4.21
C LEU A 252 2.58 -10.26 3.61
N CYS A 253 2.73 -11.55 3.36
CA CYS A 253 3.95 -12.05 2.74
C CYS A 253 3.80 -11.69 1.27
N LYS A 254 2.57 -11.82 0.77
CA LYS A 254 2.26 -11.48 -0.59
C LYS A 254 2.48 -9.99 -0.85
N ARG A 255 2.07 -9.16 0.10
CA ARG A 255 2.21 -7.71 0.00
C ARG A 255 3.68 -7.33 -0.02
N ILE A 256 4.46 -8.07 0.76
CA ILE A 256 5.89 -7.83 0.85
C ILE A 256 6.57 -8.18 -0.49
N GLN A 257 6.11 -9.26 -1.12
CA GLN A 257 6.69 -9.66 -2.38
C GLN A 257 6.27 -8.68 -3.47
N THR A 258 5.16 -7.99 -3.28
CA THR A 258 4.74 -7.08 -4.32
C THR A 258 5.56 -5.81 -4.25
N LEU A 259 5.87 -5.38 -3.03
CA LEU A 259 6.67 -4.17 -2.85
C LEU A 259 8.14 -4.39 -3.20
N SER A 260 8.63 -5.61 -2.96
CA SER A 260 10.02 -5.98 -3.20
C SER A 260 10.67 -5.50 -4.50
N THR A 261 11.95 -5.16 -4.42
CA THR A 261 12.74 -4.72 -5.56
C THR A 261 13.04 -5.99 -6.37
N LYS A 262 12.79 -5.96 -7.67
CA LYS A 262 12.97 -7.15 -8.51
C LYS A 262 14.23 -7.26 -9.37
N ASN A 263 14.66 -8.49 -9.63
CA ASN A 263 15.84 -8.79 -10.46
C ASN A 263 17.11 -7.97 -10.22
N VAL A 264 17.32 -7.52 -8.99
CA VAL A 264 18.50 -6.72 -8.68
C VAL A 264 19.60 -7.54 -7.99
N LEU A 265 19.25 -8.75 -7.56
CA LEU A 265 20.19 -9.62 -6.87
C LEU A 265 20.92 -10.59 -7.81
N THR A 266 22.11 -10.98 -7.37
CA THR A 266 22.91 -11.95 -8.10
C THR A 266 23.08 -13.15 -7.18
N GLY A 267 23.42 -14.30 -7.73
CA GLY A 267 23.58 -15.48 -6.89
C GLY A 267 22.27 -16.21 -6.69
N ILE A 268 21.18 -15.65 -7.24
CA ILE A 268 19.84 -16.26 -7.13
C ILE A 268 19.59 -17.27 -8.27
N PRO A 269 19.59 -18.58 -7.94
CA PRO A 269 19.36 -19.65 -8.92
C PRO A 269 17.96 -19.70 -9.54
N SER A 270 17.85 -20.43 -10.66
CA SER A 270 16.57 -20.57 -11.36
C SER A 270 15.62 -21.33 -10.45
N GLY A 271 14.38 -20.84 -10.34
CA GLY A 271 13.38 -21.49 -9.49
C GLY A 271 13.19 -20.75 -8.17
N THR A 272 14.15 -19.87 -7.90
CA THR A 272 14.15 -19.05 -6.71
C THR A 272 13.74 -17.63 -7.10
N VAL A 273 12.90 -16.98 -6.32
CA VAL A 273 12.50 -15.63 -6.68
C VAL A 273 13.66 -14.65 -6.51
N ASN A 274 13.65 -13.59 -7.31
CA ASN A 274 14.64 -12.53 -7.23
C ASN A 274 13.91 -11.34 -6.66
N TYR A 275 13.54 -11.44 -5.39
CA TYR A 275 12.80 -10.37 -4.68
C TYR A 275 13.59 -9.90 -3.46
N LEU A 276 13.82 -8.60 -3.37
CA LEU A 276 14.51 -7.99 -2.25
C LEU A 276 13.53 -7.03 -1.56
N ALA A 277 13.38 -7.19 -0.25
CA ALA A 277 12.45 -6.37 0.53
C ALA A 277 12.59 -4.89 0.25
N PHE A 278 11.45 -4.19 0.24
CA PHE A 278 11.39 -2.74 0.06
C PHE A 278 10.19 -2.33 0.91
N ASN A 279 10.31 -1.26 1.69
CA ASN A 279 9.21 -0.85 2.57
C ASN A 279 8.19 0.13 1.98
N GLY A 280 8.26 0.36 0.67
CA GLY A 280 7.31 1.23 0.01
C GLY A 280 7.57 2.73 0.09
N ASN A 281 8.72 3.10 0.63
CA ASN A 281 9.08 4.52 0.76
C ASN A 281 8.82 5.31 -0.53
N PRO A 282 7.92 6.32 -0.49
CA PRO A 282 7.58 7.14 -1.66
C PRO A 282 8.81 7.70 -2.39
N SER A 283 9.77 8.22 -1.63
CA SER A 283 10.98 8.79 -2.19
C SER A 283 12.10 7.75 -2.26
N GLY A 284 11.74 6.48 -2.23
CA GLY A 284 12.75 5.43 -2.30
C GLY A 284 13.24 5.28 -3.72
N ALA B 1 -9.80 -9.30 -0.44
CA ALA B 1 -9.47 -10.30 -1.48
C ALA B 1 -9.98 -9.85 -2.85
N TYR B 2 -9.15 -10.06 -3.87
CA TYR B 2 -9.46 -9.69 -5.24
C TYR B 2 -10.60 -10.46 -5.90
N THR B 3 -11.49 -9.72 -6.58
CA THR B 3 -12.62 -10.30 -7.32
C THR B 3 -12.38 -9.90 -8.75
N GLN B 4 -13.35 -10.17 -9.62
CA GLN B 4 -13.23 -9.76 -11.00
C GLN B 4 -14.60 -9.37 -11.54
N GLN B 5 -14.61 -8.58 -12.62
CA GLN B 5 -15.84 -8.13 -13.27
C GLN B 5 -15.64 -8.29 -14.78
N PRO B 6 -16.19 -9.37 -15.35
CA PRO B 6 -16.10 -9.65 -16.78
C PRO B 6 -16.84 -8.63 -17.64
N GLY B 7 -16.44 -8.49 -18.90
CA GLY B 7 -17.08 -7.53 -19.80
C GLY B 7 -17.24 -6.12 -19.25
N ALA B 8 -16.22 -5.65 -18.55
CA ALA B 8 -16.24 -4.32 -17.95
C ALA B 8 -15.87 -3.18 -18.93
N PRO B 9 -16.28 -1.94 -18.59
CA PRO B 9 -15.98 -0.76 -19.44
C PRO B 9 -14.47 -0.84 -19.71
N TRP B 10 -14.00 -0.60 -20.92
CA TRP B 10 -12.56 -0.75 -21.18
C TRP B 10 -11.62 -0.03 -20.23
N GLY B 11 -11.99 1.17 -19.79
CA GLY B 11 -11.13 1.91 -18.89
C GLY B 11 -10.82 1.12 -17.63
N LEU B 12 -11.78 0.30 -17.21
CA LEU B 12 -11.62 -0.49 -16.00
C LEU B 12 -10.68 -1.68 -16.17
N GLY B 13 -10.59 -2.20 -17.40
CA GLY B 13 -9.71 -3.32 -17.69
C GLY B 13 -8.31 -2.77 -17.86
N ARG B 14 -8.24 -1.56 -18.38
CA ARG B 14 -6.97 -0.87 -18.60
C ARG B 14 -6.35 -0.48 -17.25
N ILE B 15 -7.23 0.00 -16.37
CA ILE B 15 -6.89 0.41 -15.02
C ILE B 15 -6.30 -0.71 -14.17
N SER B 16 -6.75 -1.95 -14.40
CA SER B 16 -6.27 -3.09 -13.61
C SER B 16 -5.23 -3.99 -14.26
N HIS B 17 -4.60 -3.52 -15.32
CA HIS B 17 -3.59 -4.34 -16.00
C HIS B 17 -2.47 -3.47 -16.56
N ARG B 18 -1.25 -4.00 -16.55
CA ARG B 18 -0.13 -3.26 -17.09
C ARG B 18 -0.23 -3.23 -18.63
N SER B 19 -0.82 -4.26 -19.23
CA SER B 19 -0.96 -4.31 -20.67
C SER B 19 -2.42 -4.05 -21.13
N LYS B 20 -2.54 -3.30 -22.23
CA LYS B 20 -3.84 -2.92 -22.78
C LYS B 20 -4.59 -4.04 -23.49
N GLY B 21 -5.89 -3.80 -23.69
CA GLY B 21 -6.75 -4.76 -24.36
C GLY B 21 -7.27 -5.86 -23.45
N SER B 22 -7.78 -5.47 -22.28
CA SER B 22 -8.30 -6.42 -21.31
C SER B 22 -9.78 -6.16 -21.02
N THR B 23 -10.58 -7.22 -21.03
CA THR B 23 -12.01 -7.12 -20.82
C THR B 23 -12.47 -7.29 -19.37
N THR B 24 -11.57 -7.73 -18.50
CA THR B 24 -11.92 -7.95 -17.09
C THR B 24 -11.30 -6.94 -16.16
N TYR B 25 -12.16 -6.28 -15.37
CA TYR B 25 -11.71 -5.34 -14.35
C TYR B 25 -11.49 -6.17 -13.08
N GLU B 26 -10.23 -6.34 -12.71
CA GLU B 26 -9.90 -7.10 -11.52
C GLU B 26 -9.58 -6.15 -10.38
N TYR B 27 -10.20 -6.36 -9.22
CA TYR B 27 -10.02 -5.46 -8.07
C TYR B 27 -10.38 -6.09 -6.72
N ASP B 28 -9.85 -5.51 -5.64
CA ASP B 28 -10.13 -6.00 -4.30
C ASP B 28 -11.54 -5.59 -3.89
N THR B 29 -12.30 -6.55 -3.33
CA THR B 29 -13.68 -6.30 -2.93
C THR B 29 -13.90 -5.14 -1.97
N SER B 30 -12.88 -4.78 -1.20
CA SER B 30 -13.04 -3.66 -0.28
C SER B 30 -13.57 -2.44 -1.06
N GLY B 31 -13.18 -2.38 -2.33
CA GLY B 31 -13.60 -1.30 -3.21
C GLY B 31 -13.91 0.05 -2.61
N GLY B 32 -13.02 0.56 -1.76
CA GLY B 32 -13.23 1.87 -1.16
C GLY B 32 -14.30 2.09 -0.10
N SER B 33 -14.74 1.06 0.62
CA SER B 33 -15.74 1.26 1.65
C SER B 33 -15.10 2.09 2.77
N GLY B 34 -15.91 2.95 3.40
CA GLY B 34 -15.41 3.81 4.46
C GLY B 34 -14.83 5.08 3.86
N THR B 35 -14.97 5.20 2.55
CA THR B 35 -14.46 6.31 1.78
C THR B 35 -15.63 7.16 1.26
N CYS B 36 -15.38 8.45 0.99
CA CYS B 36 -16.40 9.36 0.48
C CYS B 36 -15.89 10.10 -0.75
N ALA B 37 -16.77 10.28 -1.73
CA ALA B 37 -16.37 10.98 -2.94
C ALA B 37 -17.30 12.11 -3.36
N TYR B 38 -16.74 13.33 -3.39
CA TYR B 38 -17.50 14.51 -3.80
C TYR B 38 -17.30 14.82 -5.29
N VAL B 39 -18.43 14.85 -5.99
CA VAL B 39 -18.45 15.12 -7.42
C VAL B 39 -18.98 16.53 -7.62
N ILE B 40 -18.05 17.49 -7.67
CA ILE B 40 -18.36 18.90 -7.88
C ILE B 40 -18.60 19.06 -9.39
N ASP B 41 -19.86 19.16 -9.78
CA ASP B 41 -20.18 19.26 -11.18
C ASP B 41 -21.60 19.82 -11.35
N THR B 42 -22.33 19.26 -12.30
CA THR B 42 -23.71 19.67 -12.59
C THR B 42 -24.72 18.99 -11.66
N GLY B 43 -24.21 18.15 -10.76
CA GLY B 43 -25.04 17.44 -9.81
C GLY B 43 -24.97 15.94 -10.06
N VAL B 44 -25.69 15.16 -9.25
CA VAL B 44 -25.70 13.70 -9.42
C VAL B 44 -27.10 13.11 -9.31
N GLU B 45 -27.50 12.32 -10.30
CA GLU B 45 -28.81 11.69 -10.27
C GLU B 45 -28.72 10.49 -9.31
N ALA B 46 -28.73 10.79 -8.01
CA ALA B 46 -28.62 9.77 -6.98
C ALA B 46 -29.62 8.63 -7.06
N SER B 47 -30.83 8.93 -7.55
CA SER B 47 -31.89 7.90 -7.66
C SER B 47 -31.53 6.74 -8.58
N HIS B 48 -30.63 6.99 -9.52
CA HIS B 48 -30.18 5.97 -10.47
C HIS B 48 -29.82 4.65 -9.77
N PRO B 49 -30.43 3.54 -10.21
CA PRO B 49 -30.19 2.20 -9.64
C PRO B 49 -28.72 1.86 -9.44
N GLU B 50 -27.90 2.25 -10.42
CA GLU B 50 -26.47 2.01 -10.45
C GLU B 50 -25.66 2.42 -9.22
N PHE B 51 -26.16 3.40 -8.46
CA PHE B 51 -25.47 3.88 -7.29
C PHE B 51 -25.87 3.08 -6.05
N GLU B 52 -26.79 2.14 -6.24
CA GLU B 52 -27.27 1.29 -5.16
C GLU B 52 -27.53 2.05 -3.86
N GLY B 53 -28.02 3.28 -3.99
CA GLY B 53 -28.32 4.11 -2.84
C GLY B 53 -27.13 4.71 -2.12
N ARG B 54 -25.95 4.60 -2.73
CA ARG B 54 -24.73 5.12 -2.09
C ARG B 54 -24.40 6.57 -2.49
N ALA B 55 -25.19 7.12 -3.40
CA ALA B 55 -24.97 8.48 -3.82
C ALA B 55 -26.09 9.35 -3.29
N SER B 56 -25.78 10.63 -3.16
CA SER B 56 -26.75 11.61 -2.67
C SER B 56 -26.44 12.96 -3.28
N GLN B 57 -27.47 13.62 -3.80
CA GLN B 57 -27.31 14.95 -4.39
C GLN B 57 -27.67 15.86 -3.20
N ILE B 58 -26.64 16.28 -2.47
CA ILE B 58 -26.78 17.08 -1.25
C ILE B 58 -26.75 18.60 -1.33
N LYS B 59 -26.22 19.18 -2.40
CA LYS B 59 -26.16 20.64 -2.42
C LYS B 59 -26.05 21.29 -3.79
N SER B 60 -26.58 22.51 -3.90
CA SER B 60 -26.49 23.27 -5.15
C SER B 60 -26.26 24.74 -4.92
N PHE B 61 -25.49 25.33 -5.81
CA PHE B 61 -25.20 26.77 -5.75
C PHE B 61 -25.77 27.48 -7.00
N ILE B 62 -26.58 26.71 -7.75
CA ILE B 62 -27.29 27.17 -8.94
C ILE B 62 -28.75 27.36 -8.45
N SER B 63 -29.08 28.63 -8.20
CA SER B 63 -30.36 29.08 -7.65
C SER B 63 -31.68 28.41 -8.03
N GLY B 64 -31.95 28.25 -9.32
CA GLY B 64 -33.22 27.64 -9.71
C GLY B 64 -33.14 26.15 -9.99
N GLN B 65 -31.97 25.56 -9.76
CA GLN B 65 -31.78 24.15 -10.05
C GLN B 65 -30.95 23.40 -9.03
N ASN B 66 -31.44 22.24 -8.59
CA ASN B 66 -30.66 21.37 -7.70
C ASN B 66 -30.78 19.94 -8.12
N THR B 67 -30.76 19.73 -9.43
CA THR B 67 -30.83 18.39 -9.96
C THR B 67 -29.87 18.40 -11.14
N ASP B 68 -29.34 17.23 -11.47
CA ASP B 68 -28.46 17.13 -12.62
C ASP B 68 -29.31 17.05 -13.88
N GLY B 69 -29.50 18.17 -14.57
CA GLY B 69 -30.29 18.17 -15.79
C GLY B 69 -29.40 18.26 -17.01
N ASN B 70 -28.09 18.10 -16.77
CA ASN B 70 -27.10 18.15 -17.82
C ASN B 70 -26.66 16.74 -18.17
N GLY B 71 -26.17 16.03 -17.15
CA GLY B 71 -25.70 14.66 -17.33
C GLY B 71 -24.23 14.45 -17.01
N HIS B 72 -23.46 15.54 -17.03
CA HIS B 72 -22.02 15.50 -16.78
C HIS B 72 -21.62 14.88 -15.42
N GLY B 73 -22.23 15.40 -14.34
CA GLY B 73 -21.94 14.93 -13.00
C GLY B 73 -22.31 13.49 -12.72
N THR B 74 -23.42 13.06 -13.31
CA THR B 74 -23.89 11.67 -13.16
C THR B 74 -22.92 10.69 -13.83
N HIS B 75 -22.38 11.08 -14.99
CA HIS B 75 -21.43 10.24 -15.73
C HIS B 75 -20.16 10.05 -14.92
N CYS B 76 -19.60 11.16 -14.41
CA CYS B 76 -18.37 11.14 -13.61
C CYS B 76 -18.60 10.36 -12.32
N ALA B 77 -19.70 10.65 -11.63
CA ALA B 77 -20.02 9.93 -10.40
C ALA B 77 -20.17 8.43 -10.68
N GLY B 78 -20.60 8.10 -11.90
CA GLY B 78 -20.75 6.71 -12.27
C GLY B 78 -19.42 6.03 -12.52
N THR B 79 -18.44 6.80 -12.97
CA THR B 79 -17.13 6.25 -13.21
C THR B 79 -16.37 6.13 -11.89
N ILE B 80 -16.73 6.97 -10.91
CA ILE B 80 -16.09 6.87 -9.62
C ILE B 80 -16.58 5.62 -8.90
N GLY B 81 -17.90 5.46 -8.77
CA GLY B 81 -18.38 4.29 -8.06
C GLY B 81 -19.68 3.57 -8.39
N SER B 82 -20.23 3.68 -9.59
CA SER B 82 -21.45 2.95 -9.88
C SER B 82 -21.12 1.47 -9.82
N LYS B 83 -22.15 0.63 -9.74
CA LYS B 83 -22.00 -0.82 -9.66
C LYS B 83 -21.36 -1.46 -10.91
N THR B 84 -21.67 -0.92 -12.09
CA THR B 84 -21.16 -1.50 -13.32
C THR B 84 -20.04 -0.72 -14.02
N TYR B 85 -20.08 0.60 -13.85
CA TYR B 85 -19.14 1.48 -14.52
C TYR B 85 -18.08 2.10 -13.60
N GLY B 86 -18.18 1.83 -12.31
CA GLY B 86 -17.23 2.42 -11.38
C GLY B 86 -15.97 1.65 -11.01
N VAL B 87 -15.02 2.40 -10.44
CA VAL B 87 -13.76 1.84 -9.99
C VAL B 87 -13.95 1.33 -8.57
N ALA B 88 -14.37 2.26 -7.70
CA ALA B 88 -14.61 2.00 -6.28
C ALA B 88 -16.09 1.73 -6.04
N LYS B 89 -16.50 0.49 -6.27
CA LYS B 89 -17.90 0.09 -6.17
C LYS B 89 -18.57 0.09 -4.80
N LYS B 90 -17.85 0.50 -3.78
CA LYS B 90 -18.45 0.52 -2.47
C LYS B 90 -18.33 1.90 -1.83
N THR B 91 -17.75 2.85 -2.55
CA THR B 91 -17.60 4.21 -2.02
C THR B 91 -18.94 4.93 -1.90
N LYS B 92 -18.97 6.02 -1.14
CA LYS B 92 -20.18 6.82 -0.97
C LYS B 92 -20.04 8.14 -1.77
N ILE B 93 -21.03 8.42 -2.61
CA ILE B 93 -21.00 9.58 -3.48
C ILE B 93 -21.81 10.78 -3.03
N TYR B 94 -21.21 11.97 -3.14
CA TYR B 94 -21.85 13.22 -2.75
C TYR B 94 -21.80 14.32 -3.83
N GLY B 95 -22.98 14.65 -4.35
CA GLY B 95 -23.06 15.64 -5.40
C GLY B 95 -23.25 17.08 -4.95
N VAL B 96 -22.37 17.94 -5.47
CA VAL B 96 -22.42 19.37 -5.21
C VAL B 96 -22.57 20.03 -6.57
N LYS B 97 -23.74 20.61 -6.81
CA LYS B 97 -24.02 21.26 -8.07
C LYS B 97 -23.48 22.70 -8.14
N VAL B 98 -22.36 22.88 -8.85
CA VAL B 98 -21.77 24.20 -8.95
C VAL B 98 -21.83 24.68 -10.40
N LEU B 99 -22.29 23.80 -11.27
CA LEU B 99 -22.46 24.12 -12.68
C LEU B 99 -23.95 24.02 -13.00
N ASP B 100 -24.53 25.01 -13.67
CA ASP B 100 -25.95 24.89 -14.01
C ASP B 100 -26.17 23.90 -15.17
N ASN B 101 -27.43 23.62 -15.47
CA ASN B 101 -27.73 22.65 -16.52
C ASN B 101 -27.32 22.97 -17.94
N SER B 102 -27.01 24.24 -18.21
CA SER B 102 -26.58 24.64 -19.54
C SER B 102 -25.08 24.34 -19.66
N GLY B 103 -24.48 24.04 -18.51
CA GLY B 103 -23.05 23.73 -18.46
C GLY B 103 -22.17 24.93 -18.13
N SER B 104 -22.59 25.80 -17.21
CA SER B 104 -21.78 26.94 -16.83
C SER B 104 -22.00 27.33 -15.38
N GLY B 105 -20.95 27.83 -14.74
CA GLY B 105 -21.04 28.23 -13.34
C GLY B 105 -20.06 29.33 -12.95
N SER B 106 -20.51 30.24 -12.09
CA SER B 106 -19.67 31.34 -11.63
C SER B 106 -18.51 30.79 -10.83
N TYR B 107 -17.43 31.55 -10.79
CA TYR B 107 -16.25 31.14 -10.06
C TYR B 107 -16.48 31.17 -8.56
N SER B 108 -17.27 32.14 -8.09
CA SER B 108 -17.55 32.25 -6.66
C SER B 108 -18.28 30.99 -6.20
N GLY B 109 -19.36 30.65 -6.90
CA GLY B 109 -20.15 29.48 -6.56
C GLY B 109 -19.33 28.20 -6.64
N ILE B 110 -18.32 28.19 -7.51
CA ILE B 110 -17.46 27.03 -7.66
C ILE B 110 -16.54 27.00 -6.44
N ILE B 111 -16.10 28.17 -5.99
CA ILE B 111 -15.24 28.23 -4.83
C ILE B 111 -16.03 27.88 -3.56
N SER B 112 -17.27 28.37 -3.50
CA SER B 112 -18.16 28.13 -2.36
C SER B 112 -18.46 26.64 -2.30
N GLY B 113 -18.62 26.03 -3.46
CA GLY B 113 -18.90 24.60 -3.52
C GLY B 113 -17.72 23.78 -3.04
N MET B 114 -16.51 24.28 -3.30
CA MET B 114 -15.31 23.58 -2.87
C MET B 114 -15.20 23.65 -1.35
N ASP B 115 -15.47 24.82 -0.77
CA ASP B 115 -15.39 24.94 0.67
C ASP B 115 -16.51 24.11 1.28
N PHE B 116 -17.67 24.15 0.63
CA PHE B 116 -18.81 23.39 1.12
C PHE B 116 -18.50 21.90 1.26
N ALA B 117 -17.90 21.31 0.24
CA ALA B 117 -17.60 19.89 0.29
C ALA B 117 -16.62 19.59 1.42
N VAL B 118 -15.64 20.47 1.60
CA VAL B 118 -14.65 20.31 2.64
C VAL B 118 -15.29 20.30 4.02
N GLN B 119 -16.17 21.27 4.29
CA GLN B 119 -16.84 21.33 5.59
C GLN B 119 -17.86 20.22 5.75
N ASP B 120 -18.56 19.90 4.67
CA ASP B 120 -19.59 18.88 4.66
C ASP B 120 -19.09 17.47 4.93
N SER B 121 -17.93 17.12 4.38
CA SER B 121 -17.35 15.81 4.58
C SER B 121 -17.03 15.56 6.06
N LYS B 122 -16.89 16.62 6.84
CA LYS B 122 -16.61 16.48 8.27
C LYS B 122 -17.93 16.17 9.02
N SER B 123 -19.02 16.09 8.25
CA SER B 123 -20.36 15.76 8.76
C SER B 123 -20.67 14.30 8.42
N ARG B 124 -19.89 13.74 7.50
CA ARG B 124 -20.12 12.38 7.04
C ARG B 124 -19.18 11.32 7.59
N SER B 125 -19.64 10.07 7.51
CA SER B 125 -18.85 8.95 7.96
C SER B 125 -17.95 8.56 6.79
N CYS B 126 -16.71 9.06 6.83
CA CYS B 126 -15.72 8.81 5.78
C CYS B 126 -14.44 8.46 6.54
N PRO B 127 -14.47 7.42 7.39
CA PRO B 127 -13.28 7.04 8.16
C PRO B 127 -12.04 6.65 7.39
N LYS B 128 -12.18 6.21 6.14
CA LYS B 128 -11.02 5.81 5.36
C LYS B 128 -10.54 6.80 4.31
N GLY B 129 -11.08 8.01 4.30
CA GLY B 129 -10.64 8.99 3.32
C GLY B 129 -11.74 9.77 2.62
N VAL B 130 -11.37 10.97 2.18
CA VAL B 130 -12.30 11.86 1.46
C VAL B 130 -11.65 12.23 0.13
N VAL B 131 -12.38 12.03 -0.96
CA VAL B 131 -11.87 12.37 -2.29
C VAL B 131 -12.83 13.30 -2.97
N ALA B 132 -12.36 14.04 -3.97
CA ALA B 132 -13.20 14.98 -4.67
C ALA B 132 -12.83 15.09 -6.16
N ASN B 133 -13.86 15.10 -7.01
CA ASN B 133 -13.72 15.13 -8.46
C ASN B 133 -14.16 16.47 -9.07
N MET B 134 -13.25 17.14 -9.80
CA MET B 134 -13.57 18.41 -10.46
C MET B 134 -13.31 18.35 -11.98
N SER B 135 -14.26 17.75 -12.69
CA SER B 135 -14.17 17.61 -14.14
C SER B 135 -14.74 18.83 -14.84
N LEU B 136 -14.16 19.98 -14.54
CA LEU B 136 -14.61 21.22 -15.14
C LEU B 136 -13.37 22.08 -15.34
N GLY B 137 -13.51 23.10 -16.17
CA GLY B 137 -12.38 23.97 -16.43
C GLY B 137 -12.80 25.29 -17.05
N GLY B 138 -11.87 26.24 -17.00
CA GLY B 138 -12.07 27.56 -17.56
C GLY B 138 -10.68 28.14 -17.70
N GLY B 139 -10.59 29.42 -18.02
CA GLY B 139 -9.32 30.08 -18.15
C GLY B 139 -8.78 30.27 -16.75
N LYS B 140 -7.47 30.47 -16.66
CA LYS B 140 -6.81 30.65 -15.38
C LYS B 140 -7.43 31.71 -14.51
N ALA B 141 -7.63 31.33 -13.24
CA ALA B 141 -8.20 32.19 -12.21
C ALA B 141 -7.55 31.70 -10.92
N GLN B 142 -6.64 32.51 -10.38
CA GLN B 142 -5.90 32.17 -9.17
C GLN B 142 -6.82 31.84 -8.00
N SER B 143 -7.93 32.57 -7.92
CA SER B 143 -8.93 32.41 -6.87
C SER B 143 -9.46 30.99 -6.84
N VAL B 144 -9.56 30.41 -8.02
CA VAL B 144 -10.04 29.04 -8.16
C VAL B 144 -8.94 28.05 -7.79
N ASN B 145 -7.70 28.37 -8.12
CA ASN B 145 -6.59 27.50 -7.77
C ASN B 145 -6.42 27.51 -6.25
N ASP B 146 -6.59 28.67 -5.66
CA ASP B 146 -6.45 28.81 -4.21
C ASP B 146 -7.55 28.00 -3.52
N GLY B 147 -8.75 27.99 -4.11
CA GLY B 147 -9.83 27.22 -3.53
C GLY B 147 -9.51 25.75 -3.51
N ALA B 148 -9.02 25.24 -4.64
CA ALA B 148 -8.68 23.82 -4.75
C ALA B 148 -7.46 23.46 -3.90
N ALA B 149 -6.51 24.38 -3.81
CA ALA B 149 -5.34 24.12 -2.99
C ALA B 149 -5.81 23.91 -1.55
N ALA B 150 -6.81 24.68 -1.14
CA ALA B 150 -7.34 24.60 0.22
C ALA B 150 -7.99 23.25 0.54
N MET B 151 -8.66 22.65 -0.44
CA MET B 151 -9.28 21.34 -0.21
C MET B 151 -8.16 20.36 0.12
N ILE B 152 -7.20 20.27 -0.80
CA ILE B 152 -6.05 19.41 -0.62
C ILE B 152 -5.50 19.69 0.78
N ARG B 153 -5.31 20.96 1.07
CA ARG B 153 -4.82 21.45 2.36
C ARG B 153 -5.67 20.86 3.49
N ALA B 154 -6.95 20.65 3.24
CA ALA B 154 -7.84 20.10 4.26
C ALA B 154 -7.82 18.56 4.31
N GLY B 155 -6.96 17.94 3.52
CA GLY B 155 -6.88 16.48 3.54
C GLY B 155 -7.77 15.78 2.54
N VAL B 156 -8.42 16.56 1.68
CA VAL B 156 -9.29 15.99 0.66
C VAL B 156 -8.49 15.77 -0.61
N PHE B 157 -8.52 14.54 -1.11
CA PHE B 157 -7.79 14.24 -2.33
C PHE B 157 -8.59 14.75 -3.52
N LEU B 158 -8.24 15.95 -3.97
CA LEU B 158 -8.89 16.57 -5.13
C LEU B 158 -8.13 16.26 -6.43
N ALA B 159 -8.86 15.76 -7.41
CA ALA B 159 -8.30 15.43 -8.71
C ALA B 159 -9.15 16.20 -9.70
N VAL B 160 -8.49 17.06 -10.47
CA VAL B 160 -9.21 17.88 -11.44
C VAL B 160 -8.90 17.48 -12.87
N ALA B 161 -9.76 17.89 -13.79
CA ALA B 161 -9.56 17.58 -15.22
C ALA B 161 -8.45 18.49 -15.80
N ALA B 162 -7.67 17.93 -16.74
CA ALA B 162 -6.60 18.72 -17.38
C ALA B 162 -7.18 19.76 -18.34
N GLY B 163 -8.22 19.36 -19.06
CA GLY B 163 -8.84 20.24 -20.03
C GLY B 163 -8.83 19.53 -21.38
N ASN B 164 -9.80 19.87 -22.22
CA ASN B 164 -9.92 19.25 -23.53
C ASN B 164 -9.52 20.24 -24.63
N ASP B 165 -8.43 20.97 -24.42
CA ASP B 165 -8.01 21.97 -25.41
C ASP B 165 -6.78 21.60 -26.23
N ASN B 166 -6.25 20.38 -26.01
CA ASN B 166 -5.04 19.96 -26.70
C ASN B 166 -3.97 21.04 -26.53
N ALA B 167 -3.88 21.56 -25.31
CA ALA B 167 -2.93 22.60 -25.01
C ALA B 167 -2.26 22.29 -23.68
N ASN B 168 -1.42 23.22 -23.21
CA ASN B 168 -0.73 23.08 -21.93
C ASN B 168 -1.66 23.51 -20.79
N ALA B 169 -1.86 22.62 -19.82
CA ALA B 169 -2.75 22.86 -18.67
C ALA B 169 -2.38 24.05 -17.78
N ALA B 170 -1.17 24.58 -17.96
CA ALA B 170 -0.71 25.71 -17.16
C ALA B 170 -1.59 26.93 -17.24
N ASN B 171 -2.40 27.04 -18.30
CA ASN B 171 -3.26 28.22 -18.48
C ASN B 171 -4.75 28.07 -18.20
N TYR B 172 -5.09 27.05 -17.42
CA TYR B 172 -6.48 26.79 -17.06
C TYR B 172 -6.59 26.56 -15.56
N SER B 173 -7.82 26.57 -15.04
CA SER B 173 -8.07 26.34 -13.62
C SER B 173 -9.33 25.50 -13.44
N PRO B 174 -9.33 24.58 -12.46
CA PRO B 174 -8.27 24.26 -11.49
C PRO B 174 -7.10 23.41 -11.99
N ALA B 175 -7.02 23.19 -13.30
CA ALA B 175 -5.93 22.37 -13.86
C ALA B 175 -4.52 22.82 -13.52
N SER B 176 -4.26 24.12 -13.52
CA SER B 176 -2.92 24.60 -13.24
C SER B 176 -2.42 24.56 -11.79
N GLU B 177 -3.30 24.31 -10.83
CA GLU B 177 -2.92 24.29 -9.41
C GLU B 177 -1.95 23.15 -9.11
N PRO B 178 -0.71 23.50 -8.75
CA PRO B 178 0.42 22.61 -8.40
C PRO B 178 0.01 21.50 -7.44
N THR B 179 -0.70 21.92 -6.40
CA THR B 179 -1.18 21.10 -5.29
C THR B 179 -2.25 20.01 -5.50
N VAL B 180 -2.97 20.06 -6.62
CA VAL B 180 -4.01 19.06 -6.90
C VAL B 180 -3.52 17.96 -7.86
N CYS B 181 -4.35 16.94 -8.09
CA CYS B 181 -3.97 15.87 -8.99
C CYS B 181 -4.71 16.12 -10.31
N THR B 182 -4.01 16.68 -11.29
CA THR B 182 -4.60 16.99 -12.60
C THR B 182 -4.51 15.79 -13.52
N VAL B 183 -5.66 15.39 -14.09
CA VAL B 183 -5.76 14.21 -14.96
C VAL B 183 -5.89 14.44 -16.47
N GLY B 184 -5.01 13.78 -17.24
CA GLY B 184 -5.07 13.88 -18.70
C GLY B 184 -5.84 12.67 -19.20
N ALA B 185 -6.41 12.74 -20.41
CA ALA B 185 -7.17 11.61 -20.94
C ALA B 185 -6.38 10.74 -21.90
N THR B 186 -6.67 9.44 -21.83
CA THR B 186 -6.01 8.41 -22.61
C THR B 186 -7.00 7.55 -23.42
N THR B 187 -6.55 6.96 -24.53
CA THR B 187 -7.43 6.10 -25.35
C THR B 187 -7.13 4.60 -25.21
N SER B 188 -7.98 3.78 -25.81
CA SER B 188 -7.83 2.33 -25.76
C SER B 188 -6.71 1.80 -26.63
N SER B 189 -5.99 2.69 -27.31
CA SER B 189 -4.87 2.25 -28.13
C SER B 189 -3.61 2.77 -27.43
N ASP B 190 -3.83 3.33 -26.24
CA ASP B 190 -2.77 3.88 -25.41
C ASP B 190 -2.13 5.13 -25.99
N ALA B 191 -2.98 5.96 -26.60
CA ALA B 191 -2.54 7.22 -27.15
C ALA B 191 -3.22 8.29 -26.32
N ARG B 192 -2.56 9.43 -26.13
CA ARG B 192 -3.18 10.53 -25.37
C ARG B 192 -4.34 11.00 -26.24
N SER B 193 -5.52 11.18 -25.64
CA SER B 193 -6.66 11.63 -26.43
C SER B 193 -6.29 12.90 -27.18
N SER B 194 -6.74 13.00 -28.41
CA SER B 194 -6.43 14.14 -29.24
C SER B 194 -6.71 15.47 -28.53
N PHE B 195 -7.83 15.51 -27.82
CA PHE B 195 -8.31 16.70 -27.11
C PHE B 195 -7.71 16.96 -25.72
N SER B 196 -6.99 15.99 -25.20
CA SER B 196 -6.41 16.09 -23.86
C SER B 196 -5.26 17.07 -23.67
N ASN B 197 -5.35 17.90 -22.64
CA ASN B 197 -4.30 18.86 -22.33
C ASN B 197 -3.10 18.10 -21.79
N TYR B 198 -1.97 18.78 -21.64
CA TYR B 198 -0.74 18.14 -21.17
C TYR B 198 0.07 19.22 -20.49
N GLY B 199 1.33 18.89 -20.16
CA GLY B 199 2.22 19.87 -19.53
C GLY B 199 2.78 19.43 -18.20
N ASN B 200 3.61 20.30 -17.62
CA ASN B 200 4.23 20.04 -16.32
C ASN B 200 3.20 19.89 -15.18
N LEU B 201 2.11 20.65 -15.24
CA LEU B 201 1.10 20.60 -14.20
C LEU B 201 0.14 19.42 -14.25
N VAL B 202 0.31 18.56 -15.25
CA VAL B 202 -0.53 17.37 -15.32
C VAL B 202 0.23 16.29 -14.58
N ASP B 203 -0.47 15.61 -13.68
CA ASP B 203 0.15 14.59 -12.85
C ASP B 203 -0.06 13.13 -13.21
N ILE B 204 -1.09 12.85 -13.99
CA ILE B 204 -1.40 11.46 -14.30
C ILE B 204 -2.38 11.39 -15.47
N PHE B 205 -2.38 10.24 -16.16
CA PHE B 205 -3.28 10.00 -17.27
C PHE B 205 -4.15 8.79 -16.98
N ALA B 206 -5.34 8.75 -17.56
CA ALA B 206 -6.25 7.63 -17.35
C ALA B 206 -7.25 7.57 -18.50
N PRO B 207 -7.95 6.43 -18.62
CA PRO B 207 -8.94 6.25 -19.69
C PRO B 207 -9.88 7.42 -19.82
N GLY B 208 -9.82 8.10 -20.96
CA GLY B 208 -10.68 9.26 -21.18
C GLY B 208 -11.54 9.25 -22.42
N SER B 209 -11.19 8.44 -23.42
CA SER B 209 -11.95 8.38 -24.68
C SER B 209 -12.92 7.20 -24.82
N ASN B 210 -14.20 7.49 -25.12
CA ASN B 210 -15.24 6.47 -25.30
C ASN B 210 -15.54 5.73 -23.99
N ILE B 211 -15.89 6.51 -22.96
CA ILE B 211 -16.13 5.99 -21.61
C ILE B 211 -17.60 5.87 -21.23
N LEU B 212 -18.09 4.63 -21.19
CA LEU B 212 -19.47 4.37 -20.81
C LEU B 212 -19.68 4.53 -19.31
N SER B 213 -20.75 5.19 -18.93
CA SER B 213 -21.05 5.38 -17.53
C SER B 213 -22.52 5.79 -17.32
N THR B 214 -22.94 5.81 -16.08
CA THR B 214 -24.31 6.20 -15.73
C THR B 214 -24.65 7.50 -16.45
N TRP B 215 -25.95 7.75 -16.67
CA TRP B 215 -26.40 8.98 -17.34
C TRP B 215 -27.78 9.38 -16.81
N ILE B 216 -28.17 10.64 -16.99
CA ILE B 216 -29.46 11.06 -16.49
C ILE B 216 -30.63 10.33 -17.16
N GLY B 217 -31.75 10.27 -16.44
CA GLY B 217 -32.93 9.59 -16.96
C GLY B 217 -32.85 8.10 -16.68
N GLY B 218 -32.01 7.72 -15.72
CA GLY B 218 -31.85 6.31 -15.38
C GLY B 218 -31.19 5.50 -16.49
N THR B 219 -30.45 6.16 -17.38
CA THR B 219 -29.78 5.49 -18.49
C THR B 219 -28.27 5.51 -18.41
N THR B 220 -27.63 5.24 -19.54
CA THR B 220 -26.18 5.24 -19.61
C THR B 220 -25.75 6.01 -20.85
N ASN B 221 -24.51 6.49 -20.86
CA ASN B 221 -24.01 7.24 -22.01
C ASN B 221 -22.52 7.01 -22.16
N THR B 222 -22.04 7.01 -23.40
CA THR B 222 -20.61 6.82 -23.65
C THR B 222 -20.03 8.11 -24.25
N ILE B 223 -19.13 8.76 -23.53
CA ILE B 223 -18.52 10.02 -23.99
C ILE B 223 -17.01 10.12 -23.71
N SER B 224 -16.36 11.10 -24.34
CA SER B 224 -14.93 11.30 -24.20
C SER B 224 -14.56 12.67 -23.66
N GLY B 225 -13.46 12.71 -22.91
CA GLY B 225 -12.96 13.95 -22.34
C GLY B 225 -12.10 13.72 -21.12
N THR B 226 -11.40 14.77 -20.68
CA THR B 226 -10.57 14.64 -19.49
C THR B 226 -11.53 14.64 -18.27
N SER B 227 -12.83 14.84 -18.53
CA SER B 227 -13.85 14.76 -17.48
C SER B 227 -14.18 13.29 -17.21
N MET B 228 -13.79 12.43 -18.17
CA MET B 228 -13.99 10.99 -18.04
C MET B 228 -12.72 10.31 -17.54
N ALA B 229 -11.59 11.03 -17.62
CA ALA B 229 -10.33 10.48 -17.11
C ALA B 229 -10.30 10.75 -15.61
N THR B 230 -10.63 11.98 -15.24
CA THR B 230 -10.67 12.45 -13.84
C THR B 230 -11.34 11.49 -12.87
N PRO B 231 -12.57 11.04 -13.17
CA PRO B 231 -13.29 10.10 -12.30
C PRO B 231 -12.58 8.77 -12.04
N HIS B 232 -11.81 8.32 -13.02
CA HIS B 232 -11.07 7.09 -12.89
C HIS B 232 -10.03 7.24 -11.77
N ILE B 233 -9.39 8.40 -11.75
CA ILE B 233 -8.37 8.69 -10.76
C ILE B 233 -8.95 8.85 -9.37
N VAL B 234 -10.04 9.62 -9.27
CA VAL B 234 -10.73 9.87 -8.00
C VAL B 234 -11.16 8.53 -7.41
N GLY B 235 -11.67 7.65 -8.25
CA GLY B 235 -12.11 6.36 -7.77
C GLY B 235 -10.93 5.53 -7.34
N LEU B 236 -9.87 5.61 -8.14
CA LEU B 236 -8.65 4.88 -7.86
C LEU B 236 -8.14 5.21 -6.48
N GLY B 237 -8.14 6.51 -6.17
CA GLY B 237 -7.69 6.97 -4.87
C GLY B 237 -8.61 6.54 -3.74
N ALA B 238 -9.90 6.44 -4.01
CA ALA B 238 -10.87 6.02 -3.01
C ALA B 238 -10.56 4.57 -2.73
N TYR B 239 -10.45 3.83 -3.82
CA TYR B 239 -10.17 2.40 -3.79
C TYR B 239 -8.84 2.13 -3.10
N LEU B 240 -7.86 3.00 -3.33
CA LEU B 240 -6.54 2.83 -2.72
C LEU B 240 -6.54 3.16 -1.24
N ALA B 241 -7.32 4.16 -0.85
CA ALA B 241 -7.39 4.55 0.55
C ALA B 241 -8.08 3.47 1.38
N GLY B 242 -9.08 2.83 0.80
CA GLY B 242 -9.81 1.80 1.52
C GLY B 242 -9.07 0.48 1.62
N LEU B 243 -8.02 0.33 0.82
CA LEU B 243 -7.20 -0.90 0.80
C LEU B 243 -5.87 -0.74 1.55
N GLU B 244 -5.25 0.43 1.44
CA GLU B 244 -3.97 0.68 2.09
C GLU B 244 -3.95 1.85 3.07
N GLY B 245 -5.05 2.58 3.19
CA GLY B 245 -5.08 3.74 4.07
C GLY B 245 -4.84 5.05 3.32
N PHE B 246 -5.34 6.15 3.90
CA PHE B 246 -5.21 7.49 3.33
C PHE B 246 -3.87 8.07 3.83
N PRO B 247 -2.89 8.28 2.91
CA PRO B 247 -1.54 8.80 3.20
C PRO B 247 -1.38 10.31 3.22
N GLY B 248 -2.43 11.02 2.83
CA GLY B 248 -2.37 12.46 2.75
C GLY B 248 -2.99 12.71 1.40
N ALA B 249 -3.31 13.96 1.08
CA ALA B 249 -3.97 14.22 -0.20
C ALA B 249 -3.04 14.16 -1.42
N GLN B 250 -1.94 14.91 -1.35
CA GLN B 250 -0.98 14.96 -2.45
C GLN B 250 -0.20 13.68 -2.52
N ALA B 251 -0.15 12.96 -1.39
CA ALA B 251 0.57 11.68 -1.31
C ALA B 251 -0.22 10.58 -2.00
N LEU B 252 -1.54 10.76 -2.07
CA LEU B 252 -2.38 9.75 -2.69
C LEU B 252 -2.13 9.92 -4.17
N CYS B 253 -1.89 11.17 -4.57
CA CYS B 253 -1.60 11.47 -5.95
C CYS B 253 -0.21 10.88 -6.24
N LYS B 254 0.74 11.06 -5.31
CA LYS B 254 2.08 10.52 -5.45
C LYS B 254 2.03 9.00 -5.43
N ARG B 255 1.30 8.41 -4.49
CA ARG B 255 1.19 6.95 -4.45
C ARG B 255 0.70 6.47 -5.82
N ILE B 256 -0.29 7.20 -6.36
CA ILE B 256 -0.85 6.86 -7.67
C ILE B 256 0.18 6.97 -8.80
N GLN B 257 1.00 8.01 -8.78
CA GLN B 257 2.02 8.17 -9.79
C GLN B 257 3.04 7.06 -9.69
N THR B 258 3.30 6.61 -8.47
CA THR B 258 4.27 5.55 -8.24
C THR B 258 3.74 4.23 -8.79
N LEU B 259 2.45 3.98 -8.59
CA LEU B 259 1.80 2.75 -9.08
C LEU B 259 1.60 2.71 -10.59
N SER B 260 1.43 3.89 -11.18
CA SER B 260 1.19 4.04 -12.62
C SER B 260 2.12 3.29 -13.58
N THR B 261 1.56 2.87 -14.71
CA THR B 261 2.34 2.18 -15.74
C THR B 261 3.12 3.25 -16.51
N LYS B 262 4.43 3.08 -16.64
CA LYS B 262 5.27 4.06 -17.31
C LYS B 262 5.61 3.76 -18.78
N ASN B 263 5.77 4.85 -19.54
CA ASN B 263 6.20 4.81 -20.95
C ASN B 263 5.41 4.02 -21.99
N VAL B 264 4.18 3.62 -21.67
CA VAL B 264 3.39 2.84 -22.62
C VAL B 264 2.43 3.70 -23.43
N LEU B 265 2.42 5.01 -23.18
CA LEU B 265 1.54 5.94 -23.89
C LEU B 265 2.23 6.64 -25.05
N THR B 266 1.55 6.77 -26.19
CA THR B 266 2.12 7.50 -27.32
C THR B 266 1.42 8.86 -27.31
N GLY B 267 2.06 9.87 -27.87
CA GLY B 267 1.45 11.19 -27.91
C GLY B 267 1.69 12.07 -26.69
N ILE B 268 2.75 11.80 -25.93
CA ILE B 268 3.09 12.58 -24.74
C ILE B 268 4.30 13.48 -24.99
N PRO B 269 4.13 14.81 -24.90
CA PRO B 269 5.25 15.73 -25.14
C PRO B 269 6.30 15.72 -24.03
N SER B 270 7.53 16.12 -24.37
CA SER B 270 8.59 16.18 -23.38
C SER B 270 8.06 17.17 -22.36
N GLY B 271 8.41 16.96 -21.10
CA GLY B 271 7.94 17.87 -20.07
C GLY B 271 6.66 17.36 -19.42
N THR B 272 6.02 16.40 -20.06
CA THR B 272 4.78 15.80 -19.61
C THR B 272 5.03 14.35 -19.14
N VAL B 273 4.51 14.00 -17.97
CA VAL B 273 4.71 12.65 -17.44
C VAL B 273 3.99 11.59 -18.26
N ASN B 274 4.73 10.56 -18.64
CA ASN B 274 4.17 9.45 -19.39
C ASN B 274 3.72 8.40 -18.36
N TYR B 275 2.71 8.78 -17.57
CA TYR B 275 2.17 7.95 -16.49
C TYR B 275 0.72 7.52 -16.75
N LEU B 276 0.44 6.22 -16.72
CA LEU B 276 -0.92 5.71 -16.93
C LEU B 276 -1.43 5.00 -15.68
N ALA B 277 -2.55 5.47 -15.14
CA ALA B 277 -3.16 4.91 -13.94
C ALA B 277 -3.20 3.37 -13.89
N PHE B 278 -2.85 2.81 -12.73
CA PHE B 278 -2.83 1.36 -12.51
C PHE B 278 -3.24 1.13 -11.05
N ASN B 279 -4.19 0.22 -10.82
CA ASN B 279 -4.69 -0.02 -9.46
C ASN B 279 -3.86 -0.95 -8.58
N GLY B 280 -2.68 -1.33 -9.07
CA GLY B 280 -1.79 -2.18 -8.28
C GLY B 280 -2.15 -3.64 -8.17
N ASN B 281 -3.03 -4.12 -9.05
CA ASN B 281 -3.46 -5.53 -9.07
C ASN B 281 -2.24 -6.47 -9.09
N PRO B 282 -2.08 -7.33 -8.06
CA PRO B 282 -0.91 -8.21 -8.09
C PRO B 282 -0.70 -9.19 -9.25
N SER B 283 -1.74 -9.45 -10.04
CA SER B 283 -1.60 -10.34 -11.19
C SER B 283 -1.89 -9.53 -12.47
N GLY B 284 -1.12 -9.80 -13.52
CA GLY B 284 -1.28 -9.07 -14.76
C GLY B 284 -0.59 -7.70 -14.66
C1 MSU C 1 15.00 -30.57 16.76
O1 MSU C 1 15.45 -30.34 15.62
C2 MSU C 1 15.55 -31.55 17.84
C3 MSU C 1 15.43 -33.09 17.54
C4 MSU C 1 14.08 -33.94 17.51
OT1 MSU C 1 13.13 -33.76 18.32
OT2 MSU C 1 13.86 -35.03 16.49
CT MSU C 1 12.77 -34.99 15.54
N ALA C 2 16.21 -28.25 16.44
CA ALA C 2 16.43 -27.14 15.56
C ALA C 2 17.56 -26.39 16.23
N ALA C 3 18.15 -25.47 15.52
CA ALA C 3 19.20 -24.70 16.10
C ALA C 3 18.95 -23.33 15.54
N PRO C 4 19.47 -22.29 16.21
CA PRO C 4 19.27 -20.93 15.71
C PRO C 4 20.20 -20.77 14.49
N VAL C 5 19.81 -19.95 13.51
CA VAL C 5 20.64 -19.77 12.32
C VAL C 5 21.28 -18.40 12.11
C1 MSU D 1 -16.39 32.28 -14.62
O1 MSU D 1 -16.36 31.11 -15.01
C2 MSU D 1 -17.54 33.03 -13.86
C3 MSU D 1 -17.10 34.18 -12.88
C4 MSU D 1 -17.91 34.68 -11.62
OT1 MSU D 1 -19.07 35.16 -11.69
OT2 MSU D 1 -17.34 34.59 -10.22
CT MSU D 1 -17.83 35.44 -9.17
N ALA D 2 -16.04 28.72 -15.98
CA ALA D 2 -15.74 27.31 -16.17
C ALA D 2 -16.88 26.61 -16.90
N ALA D 3 -16.65 25.36 -17.26
CA ALA D 3 -17.67 24.57 -17.93
C ALA D 3 -17.28 23.14 -17.67
N PRO D 4 -18.21 22.21 -17.87
CA PRO D 4 -17.79 20.83 -17.63
C PRO D 4 -17.03 20.31 -18.87
N VAL D 5 -16.00 19.48 -18.65
CA VAL D 5 -15.21 18.96 -19.75
C VAL D 5 -15.41 17.45 -20.02
CA CA E . 7.52 -20.69 2.57
CA CA F . -1.89 19.80 -10.73
#